data_7GWF
#
_entry.id   7GWF
#
_cell.length_a   67.730
_cell.length_b   67.730
_cell.length_c   166.460
_cell.angle_alpha   90.000
_cell.angle_beta   90.000
_cell.angle_gamma   120.000
#
_symmetry.space_group_name_H-M   'P 61 2 2'
#
loop_
_entity.id
_entity.type
_entity.pdbx_description
1 polymer 'B-cell lymphoma 6 protein'
2 polymer 'WVIP tetrapeptide'
3 non-polymer 5-[(2-chloro-5-fluoropyrimidin-4-yl)amino]-1,3-dihydro-2H-indol-2-one
4 non-polymer 'CHLORIDE ION'
5 non-polymer 'DIMETHYL SULFOXIDE'
6 water water
#
loop_
_entity_poly.entity_id
_entity_poly.type
_entity_poly.pdbx_seq_one_letter_code
_entity_poly.pdbx_strand_id
1 'polypeptide(L)'
;GPGADSCIQFTRHASDVLLNLNRLRSRDILTDVVIVVSREQFRAHKTVLMACSGLFYSIFTDQLKCNLSVINLDPEINPE
GFCILLDFMYTSRLNLREGNIMAVMATAMYLQMEHVVDTCRKFIKASE
;
A
2 'polypeptide(L)' (ACE)WVIPA D
#
loop_
_chem_comp.id
_chem_comp.type
_chem_comp.name
_chem_comp.formula
A1ACW non-polymer 5-[(2-chloro-5-fluoropyrimidin-4-yl)amino]-1,3-dihydro-2H-indol-2-one 'C12 H8 Cl F N4 O'
ACE non-polymer 'ACETYL GROUP' 'C2 H4 O'
CL non-polymer 'CHLORIDE ION' 'Cl -1'
DMS non-polymer 'DIMETHYL SULFOXIDE' 'C2 H6 O S'
#
# COMPACT_ATOMS: atom_id res chain seq x y z
N ASP A 5 1.05 -6.24 30.20
CA ASP A 5 0.88 -7.68 30.45
C ASP A 5 2.25 -8.39 30.64
N SER A 6 2.22 -9.73 30.78
CA SER A 6 3.42 -10.57 30.92
C SER A 6 3.72 -11.34 29.61
N CYS A 7 3.29 -10.81 28.45
CA CYS A 7 3.48 -11.43 27.14
C CYS A 7 4.95 -11.52 26.70
N ILE A 8 5.25 -12.46 25.79
CA ILE A 8 6.51 -12.57 25.06
C ILE A 8 6.15 -12.13 23.67
N GLN A 9 7.12 -11.71 22.87
N GLN A 9 7.12 -11.63 22.91
CA GLN A 9 6.80 -11.22 21.53
CA GLN A 9 6.90 -11.10 21.58
C GLN A 9 7.74 -11.81 20.49
C GLN A 9 7.75 -11.82 20.54
N PHE A 10 7.17 -12.26 19.36
N PHE A 10 7.19 -12.01 19.34
CA PHE A 10 7.98 -12.82 18.27
CA PHE A 10 7.88 -12.63 18.21
C PHE A 10 8.33 -11.68 17.32
C PHE A 10 8.24 -11.49 17.25
N THR A 11 9.61 -11.26 17.34
N THR A 11 9.52 -11.10 17.26
CA THR A 11 10.06 -10.09 16.58
CA THR A 11 10.08 -9.97 16.49
C THR A 11 9.66 -10.11 15.08
C THR A 11 9.83 -10.03 15.00
N ARG A 12 9.89 -11.24 14.41
CA ARG A 12 9.66 -11.38 12.97
C ARG A 12 8.20 -11.64 12.56
N HIS A 13 7.26 -11.74 13.52
CA HIS A 13 5.88 -12.09 13.18
C HIS A 13 5.23 -11.15 12.18
N ALA A 14 5.25 -9.83 12.44
CA ALA A 14 4.56 -8.90 11.53
C ALA A 14 5.12 -8.96 10.09
N SER A 15 6.46 -9.04 9.94
N SER A 15 6.45 -9.05 9.94
N SER A 15 6.45 -9.05 9.96
CA SER A 15 7.06 -9.13 8.60
CA SER A 15 7.10 -9.15 8.64
CA SER A 15 7.14 -9.16 8.67
C SER A 15 6.71 -10.46 7.93
C SER A 15 6.71 -10.45 7.94
C SER A 15 6.73 -10.45 7.95
N ASP A 16 6.63 -11.56 8.71
CA ASP A 16 6.24 -12.89 8.19
C ASP A 16 4.76 -12.85 7.75
N VAL A 17 3.87 -12.19 8.53
CA VAL A 17 2.46 -12.05 8.12
C VAL A 17 2.39 -11.29 6.77
N LEU A 18 3.07 -10.17 6.67
CA LEU A 18 3.02 -9.35 5.44
C LEU A 18 3.55 -10.12 4.22
N LEU A 19 4.65 -10.87 4.41
CA LEU A 19 5.22 -11.71 3.36
C LEU A 19 4.19 -12.73 2.87
N ASN A 20 3.47 -13.36 3.80
CA ASN A 20 2.43 -14.32 3.42
C ASN A 20 1.24 -13.65 2.75
N LEU A 21 0.88 -12.43 3.16
CA LEU A 21 -0.23 -11.70 2.53
C LEU A 21 0.18 -11.37 1.09
N ASN A 22 1.47 -11.03 0.88
CA ASN A 22 1.95 -10.76 -0.50
C ASN A 22 1.96 -12.04 -1.34
N ARG A 23 2.27 -13.21 -0.73
CA ARG A 23 2.22 -14.49 -1.46
C ARG A 23 0.77 -14.82 -1.84
N LEU A 24 -0.22 -14.50 -0.97
CA LEU A 24 -1.63 -14.72 -1.33
C LEU A 24 -2.00 -13.81 -2.49
N ARG A 25 -1.57 -12.53 -2.44
CA ARG A 25 -1.85 -11.61 -3.55
C ARG A 25 -1.26 -12.12 -4.89
N SER A 26 0.01 -12.57 -4.90
N SER A 26 0.00 -12.58 -4.88
N SER A 26 -0.01 -12.61 -4.87
CA SER A 26 0.69 -13.08 -6.10
CA SER A 26 0.70 -13.09 -6.06
CA SER A 26 0.72 -13.15 -6.03
C SER A 26 -0.03 -14.28 -6.70
C SER A 26 -0.07 -14.22 -6.76
C SER A 26 0.06 -14.45 -6.52
N ARG A 27 -0.64 -15.12 -5.84
N ARG A 27 -0.62 -15.17 -5.97
CA ARG A 27 -1.37 -16.33 -6.23
CA ARG A 27 -1.37 -16.33 -6.49
C ARG A 27 -2.88 -16.06 -6.41
C ARG A 27 -2.87 -16.01 -6.66
N ASP A 28 -3.28 -14.77 -6.32
CA ASP A 28 -4.68 -14.30 -6.42
C ASP A 28 -5.62 -15.02 -5.43
N ILE A 29 -5.13 -15.30 -4.22
CA ILE A 29 -5.92 -16.02 -3.22
C ILE A 29 -6.67 -15.04 -2.33
N LEU A 30 -8.00 -15.18 -2.30
CA LEU A 30 -8.92 -14.39 -1.48
C LEU A 30 -8.84 -12.88 -1.72
N THR A 31 -8.37 -12.46 -2.92
CA THR A 31 -8.40 -11.04 -3.29
C THR A 31 -9.88 -10.73 -3.50
N ASP A 32 -10.34 -9.60 -2.96
CA ASP A 32 -11.78 -9.30 -2.98
C ASP A 32 -12.12 -7.97 -3.59
N VAL A 33 -11.15 -7.32 -4.23
CA VAL A 33 -11.43 -6.03 -4.90
C VAL A 33 -10.51 -5.84 -6.08
N VAL A 34 -11.01 -5.12 -7.08
CA VAL A 34 -10.21 -4.71 -8.23
C VAL A 34 -10.15 -3.19 -8.19
N ILE A 35 -8.95 -2.63 -8.21
CA ILE A 35 -8.74 -1.18 -8.25
C ILE A 35 -8.42 -0.84 -9.71
N VAL A 36 -9.22 0.04 -10.30
CA VAL A 36 -9.06 0.44 -11.71
C VAL A 36 -8.41 1.83 -11.74
N VAL A 37 -7.26 1.91 -12.41
CA VAL A 37 -6.48 3.14 -12.55
C VAL A 37 -6.25 3.29 -14.06
N SER A 38 -7.26 3.97 -14.67
N SER A 38 -6.76 4.38 -14.66
CA SER A 38 -7.46 4.20 -16.11
CA SER A 38 -6.56 4.66 -16.10
C SER A 38 -7.62 2.85 -16.85
C SER A 38 -6.67 3.36 -16.95
N ARG A 39 -6.68 2.48 -17.74
N ARG A 39 -7.75 2.57 -16.70
CA ARG A 39 -6.75 1.22 -18.50
CA ARG A 39 -8.09 1.29 -17.35
C ARG A 39 -6.22 0.00 -17.73
C ARG A 39 -7.26 0.08 -16.85
N GLU A 40 -5.66 0.21 -16.52
N GLU A 40 -6.09 0.33 -16.20
CA GLU A 40 -5.10 -0.89 -15.73
CA GLU A 40 -5.23 -0.73 -15.64
C GLU A 40 -6.00 -1.32 -14.57
C GLU A 40 -5.88 -1.28 -14.37
N GLN A 41 -5.92 -2.62 -14.21
CA GLN A 41 -6.63 -3.25 -13.10
C GLN A 41 -5.66 -3.88 -12.14
N PHE A 42 -5.88 -3.69 -10.82
CA PHE A 42 -5.02 -4.28 -9.79
C PHE A 42 -5.88 -5.00 -8.80
N ARG A 43 -5.61 -6.28 -8.56
CA ARG A 43 -6.39 -7.04 -7.58
C ARG A 43 -5.70 -6.95 -6.25
N ALA A 44 -6.49 -6.86 -5.17
CA ALA A 44 -5.87 -6.74 -3.84
C ALA A 44 -6.85 -7.21 -2.77
N HIS A 45 -6.40 -7.16 -1.52
CA HIS A 45 -7.24 -7.49 -0.37
C HIS A 45 -7.70 -6.15 0.22
N LYS A 46 -9.00 -5.99 0.40
CA LYS A 46 -9.55 -4.74 0.98
C LYS A 46 -8.88 -4.43 2.33
N THR A 47 -8.68 -5.46 3.19
CA THR A 47 -8.10 -5.19 4.52
C THR A 47 -6.71 -4.63 4.46
N VAL A 48 -5.88 -5.11 3.53
CA VAL A 48 -4.50 -4.58 3.42
C VAL A 48 -4.55 -3.14 2.93
N LEU A 49 -5.40 -2.87 1.92
CA LEU A 49 -5.54 -1.50 1.42
C LEU A 49 -5.97 -0.54 2.53
N MET A 50 -6.94 -0.95 3.36
CA MET A 50 -7.43 -0.11 4.47
C MET A 50 -6.36 0.09 5.53
N ALA A 51 -5.57 -0.95 5.80
CA ALA A 51 -4.52 -0.85 6.82
C ALA A 51 -3.39 0.12 6.43
N CYS A 52 -3.21 0.37 5.11
CA CYS A 52 -2.13 1.19 4.56
C CYS A 52 -2.49 2.58 4.08
N SER A 53 -3.77 2.81 3.77
CA SER A 53 -4.20 4.04 3.10
C SER A 53 -5.41 4.66 3.76
N GLY A 54 -5.31 5.94 4.09
CA GLY A 54 -6.41 6.68 4.67
C GLY A 54 -7.59 6.78 3.72
N LEU A 55 -7.31 6.85 2.39
CA LEU A 55 -8.38 6.90 1.39
C LEU A 55 -9.15 5.55 1.39
N PHE A 56 -8.42 4.41 1.34
CA PHE A 56 -9.11 3.10 1.32
C PHE A 56 -9.79 2.82 2.65
N TYR A 57 -9.22 3.29 3.77
CA TYR A 57 -9.88 3.13 5.06
C TYR A 57 -11.26 3.82 5.02
N SER A 58 -11.32 5.05 4.48
N SER A 58 -11.31 5.04 4.47
CA SER A 58 -12.58 5.80 4.37
CA SER A 58 -12.54 5.83 4.33
C SER A 58 -13.57 5.11 3.42
C SER A 58 -13.55 5.13 3.42
N ILE A 59 -13.08 4.58 2.29
CA ILE A 59 -13.92 3.89 1.30
C ILE A 59 -14.53 2.64 1.88
N PHE A 60 -13.71 1.75 2.45
CA PHE A 60 -14.28 0.48 2.88
C PHE A 60 -14.94 0.52 4.25
N THR A 61 -14.95 1.67 4.96
CA THR A 61 -15.74 1.79 6.20
C THR A 61 -17.09 2.45 5.87
N ASP A 62 -17.28 2.86 4.61
CA ASP A 62 -18.55 3.44 4.17
C ASP A 62 -19.52 2.28 3.91
N GLN A 63 -20.75 2.38 4.48
CA GLN A 63 -21.77 1.34 4.39
C GLN A 63 -22.13 0.92 2.96
N LEU A 64 -22.12 1.85 1.99
CA LEU A 64 -22.41 1.49 0.59
C LEU A 64 -21.18 0.97 -0.15
N LYS A 65 -20.04 1.63 0.00
CA LYS A 65 -18.85 1.30 -0.77
C LYS A 65 -18.14 0.04 -0.32
N CYS A 66 -18.29 -0.36 0.95
CA CYS A 66 -17.65 -1.57 1.51
C CYS A 66 -18.02 -2.83 0.70
N ASN A 67 -19.19 -2.79 0.01
CA ASN A 67 -19.73 -3.89 -0.78
C ASN A 67 -19.32 -3.91 -2.26
N LEU A 68 -18.57 -2.91 -2.71
CA LEU A 68 -18.17 -2.86 -4.12
C LEU A 68 -16.99 -3.79 -4.38
N SER A 69 -16.98 -4.48 -5.54
CA SER A 69 -15.90 -5.38 -5.94
CA SER A 69 -15.86 -5.36 -5.89
C SER A 69 -14.91 -4.63 -6.86
N VAL A 70 -15.32 -3.45 -7.34
CA VAL A 70 -14.52 -2.63 -8.24
C VAL A 70 -14.52 -1.18 -7.75
N ILE A 71 -13.32 -0.57 -7.65
CA ILE A 71 -13.17 0.84 -7.27
C ILE A 71 -12.40 1.55 -8.39
N ASN A 72 -12.97 2.63 -8.94
CA ASN A 72 -12.29 3.41 -9.97
C ASN A 72 -11.62 4.61 -9.33
N LEU A 73 -10.31 4.75 -9.50
CA LEU A 73 -9.59 5.90 -8.98
C LEU A 73 -9.68 7.09 -9.95
N ASP A 74 -9.35 8.28 -9.47
CA ASP A 74 -9.40 9.53 -10.24
C ASP A 74 -8.54 9.36 -11.52
N PRO A 75 -9.01 9.79 -12.72
CA PRO A 75 -8.21 9.59 -13.95
C PRO A 75 -6.83 10.24 -13.97
N GLU A 76 -6.58 11.19 -13.06
CA GLU A 76 -5.27 11.85 -12.99
C GLU A 76 -4.21 10.94 -12.36
N ILE A 77 -4.64 9.83 -11.72
CA ILE A 77 -3.71 8.91 -11.06
C ILE A 77 -2.96 8.07 -12.07
N ASN A 78 -1.65 8.03 -11.91
CA ASN A 78 -0.76 7.30 -12.79
C ASN A 78 -0.72 5.82 -12.37
N PRO A 79 -1.01 4.87 -13.30
CA PRO A 79 -1.00 3.44 -12.93
C PRO A 79 0.35 2.95 -12.37
N GLU A 80 1.47 3.44 -12.92
CA GLU A 80 2.80 3.01 -12.42
C GLU A 80 3.01 3.47 -10.97
N GLY A 81 2.62 4.72 -10.66
CA GLY A 81 2.68 5.25 -9.31
C GLY A 81 1.84 4.40 -8.37
N PHE A 82 0.63 4.01 -8.81
CA PHE A 82 -0.22 3.16 -8.00
C PHE A 82 0.44 1.79 -7.79
N CYS A 83 0.97 1.18 -8.86
CA CYS A 83 1.63 -0.13 -8.80
C CYS A 83 2.79 -0.13 -7.77
N ILE A 84 3.61 0.93 -7.78
CA ILE A 84 4.74 1.08 -6.84
C ILE A 84 4.21 1.16 -5.39
N LEU A 85 3.13 1.88 -5.18
CA LEU A 85 2.55 2.02 -3.84
C LEU A 85 1.88 0.75 -3.38
N LEU A 86 1.20 0.02 -4.29
CA LEU A 86 0.58 -1.27 -3.94
C LEU A 86 1.69 -2.26 -3.53
N ASP A 87 2.80 -2.29 -4.27
CA ASP A 87 3.95 -3.14 -3.90
C ASP A 87 4.48 -2.75 -2.54
N PHE A 88 4.57 -1.44 -2.24
CA PHE A 88 5.01 -0.97 -0.93
C PHE A 88 4.06 -1.49 0.17
N MET A 89 2.76 -1.39 -0.06
CA MET A 89 1.80 -1.86 0.97
C MET A 89 2.05 -3.28 1.38
N TYR A 90 2.33 -4.16 0.41
CA TYR A 90 2.50 -5.58 0.65
C TYR A 90 3.93 -5.98 0.98
N THR A 91 4.91 -5.05 0.89
CA THR A 91 6.30 -5.48 1.11
C THR A 91 7.14 -4.59 2.03
N SER A 92 6.69 -3.35 2.30
N SER A 92 6.69 -3.35 2.30
CA SER A 92 7.42 -2.28 3.04
CA SER A 92 7.40 -2.30 3.04
C SER A 92 8.52 -1.64 2.16
C SER A 92 8.56 -1.72 2.21
N ARG A 93 8.73 -2.15 0.92
N ARG A 93 8.66 -2.11 0.92
CA ARG A 93 9.78 -1.60 0.05
CA ARG A 93 9.72 -1.67 -0.01
C ARG A 93 9.21 -0.72 -1.01
C ARG A 93 9.15 -0.69 -1.01
N LEU A 94 9.78 0.48 -1.12
CA LEU A 94 9.33 1.51 -2.05
C LEU A 94 10.37 1.71 -3.13
N ASN A 95 9.97 1.45 -4.39
CA ASN A 95 10.84 1.58 -5.57
C ASN A 95 10.81 3.03 -6.04
N LEU A 96 11.51 3.90 -5.32
CA LEU A 96 11.52 5.33 -5.60
C LEU A 96 12.71 5.69 -6.49
N ARG A 97 12.42 6.30 -7.65
CA ARG A 97 13.41 6.66 -8.68
C ARG A 97 13.18 8.09 -9.16
N GLU A 98 14.23 8.75 -9.65
CA GLU A 98 14.12 10.12 -10.19
C GLU A 98 12.95 10.24 -11.21
N GLY A 99 12.78 9.20 -12.03
CA GLY A 99 11.74 9.17 -13.06
C GLY A 99 10.33 8.87 -12.59
N ASN A 100 10.15 8.43 -11.34
CA ASN A 100 8.80 8.14 -10.86
C ASN A 100 8.39 8.91 -9.60
N ILE A 101 9.36 9.63 -8.98
CA ILE A 101 9.11 10.26 -7.66
C ILE A 101 7.92 11.22 -7.66
N MET A 102 7.75 12.03 -8.71
CA MET A 102 6.61 12.96 -8.76
C MET A 102 5.27 12.23 -8.82
N ALA A 103 5.18 11.15 -9.63
CA ALA A 103 3.93 10.36 -9.75
C ALA A 103 3.68 9.62 -8.43
N VAL A 104 4.74 9.03 -7.84
CA VAL A 104 4.61 8.34 -6.56
C VAL A 104 4.11 9.29 -5.46
N MET A 105 4.72 10.48 -5.33
CA MET A 105 4.30 11.43 -4.31
C MET A 105 2.85 11.87 -4.51
N ALA A 106 2.47 12.20 -5.76
CA ALA A 106 1.08 12.61 -6.07
C ALA A 106 0.07 11.49 -5.72
N THR A 107 0.43 10.23 -6.03
CA THR A 107 -0.45 9.09 -5.74
C THR A 107 -0.55 8.89 -4.22
N ALA A 108 0.59 9.02 -3.48
CA ALA A 108 0.61 8.83 -2.03
C ALA A 108 -0.22 9.93 -1.34
N MET A 109 -0.21 11.16 -1.88
CA MET A 109 -1.03 12.23 -1.30
C MET A 109 -2.53 11.90 -1.48
N TYR A 110 -2.89 11.42 -2.67
CA TYR A 110 -4.25 11.02 -3.01
C TYR A 110 -4.72 9.84 -2.12
N LEU A 111 -3.85 8.84 -1.93
CA LEU A 111 -4.18 7.64 -1.15
C LEU A 111 -4.08 7.87 0.34
N GLN A 112 -3.51 9.02 0.75
CA GLN A 112 -3.33 9.38 2.15
C GLN A 112 -2.39 8.38 2.86
N MET A 113 -1.15 8.28 2.35
CA MET A 113 -0.08 7.43 2.88
C MET A 113 1.00 8.41 3.35
N GLU A 114 0.79 8.96 4.56
N GLU A 114 0.79 8.98 4.55
CA GLU A 114 1.61 10.00 5.20
CA GLU A 114 1.63 10.05 5.13
C GLU A 114 3.11 9.73 5.23
C GLU A 114 3.14 9.73 5.20
N HIS A 115 3.54 8.49 5.55
CA HIS A 115 4.98 8.15 5.64
C HIS A 115 5.65 8.18 4.27
N VAL A 116 4.94 7.74 3.21
CA VAL A 116 5.46 7.80 1.85
C VAL A 116 5.58 9.25 1.41
N VAL A 117 4.52 10.07 1.65
CA VAL A 117 4.54 11.50 1.30
C VAL A 117 5.78 12.17 1.94
N ASP A 118 5.98 12.00 3.26
N ASP A 118 6.07 11.84 3.21
CA ASP A 118 7.08 12.60 4.03
CA ASP A 118 7.22 12.34 3.98
C ASP A 118 8.47 12.35 3.42
C ASP A 118 8.56 12.01 3.32
N THR A 119 8.73 11.12 2.97
N THR A 119 8.80 10.74 2.91
CA THR A 119 10.01 10.69 2.38
CA THR A 119 10.07 10.38 2.29
C THR A 119 10.19 11.25 1.00
C THR A 119 10.24 11.01 0.90
N CYS A 120 9.14 11.19 0.15
CA CYS A 120 9.19 11.79 -1.20
C CYS A 120 9.58 13.25 -1.07
N ARG A 121 8.95 13.97 -0.11
CA ARG A 121 9.26 15.38 0.17
C ARG A 121 10.75 15.56 0.51
N LYS A 122 11.31 14.65 1.33
CA LYS A 122 12.72 14.69 1.74
C LYS A 122 13.67 14.47 0.56
N PHE A 123 13.38 13.48 -0.31
CA PHE A 123 14.19 13.19 -1.50
C PHE A 123 14.14 14.33 -2.52
N ILE A 124 12.96 14.95 -2.66
CA ILE A 124 12.79 16.11 -3.57
C ILE A 124 13.60 17.31 -3.04
N LYS A 125 13.52 17.58 -1.72
N LYS A 125 13.54 17.57 -1.71
CA LYS A 125 14.25 18.67 -1.07
CA LYS A 125 14.26 18.67 -1.03
C LYS A 125 15.77 18.52 -1.28
C LYS A 125 15.80 18.51 -1.15
N ALA A 126 16.29 17.27 -1.21
CA ALA A 126 17.72 16.96 -1.37
C ALA A 126 18.21 17.27 -2.78
N SER A 127 17.35 17.13 -3.79
CA SER A 127 17.67 17.38 -5.20
C SER A 127 17.76 18.87 -5.55
N GLU A 128 16.98 19.71 -4.84
N GLU A 128 16.99 19.74 -4.85
CA GLU A 128 16.90 21.16 -5.04
CA GLU A 128 17.00 21.18 -5.10
C GLU A 128 18.14 21.84 -4.43
C GLU A 128 18.29 21.85 -4.62
C ACE B 1 12.22 -14.23 18.80
O ACE B 1 11.52 -13.27 18.41
CH3 ACE B 1 13.26 -14.86 17.87
N TRP B 2 12.13 -14.73 20.02
N TRP B 2 12.12 -14.77 20.02
CA TRP B 2 11.19 -14.25 21.02
CA TRP B 2 11.21 -14.27 21.05
C TRP B 2 11.90 -13.30 21.98
C TRP B 2 11.93 -13.28 21.95
N VAL B 3 11.23 -12.22 22.38
CA VAL B 3 11.80 -11.20 23.28
C VAL B 3 10.76 -10.77 24.34
N ILE B 4 11.25 -10.02 25.34
CA ILE B 4 10.41 -9.37 26.33
C ILE B 4 10.11 -8.01 25.65
N PRO B 5 8.84 -7.75 25.28
CA PRO B 5 8.52 -6.49 24.58
C PRO B 5 8.62 -5.27 25.48
N ALA B 6 8.93 -4.10 24.91
C4 A1ACW C . -4.13 6.39 7.46
C5 A1ACW C . -5.41 6.41 8.05
C6 A1ACW C . -2.12 7.02 6.60
C7 A1ACW C . -2.14 5.50 6.61
C8 A1ACW C . -6.60 2.41 9.58
C10 A1ACW C . -7.65 0.83 11.01
C1 A1ACW C . -5.35 3.98 8.10
C2 A1ACW C . -4.12 3.98 7.43
C3 A1ACW C . -3.50 5.18 7.17
C9 A1ACW C . -7.16 2.88 11.72
C11 A1ACW C . -7.10 1.12 9.80
CL A1ACW C . -7.20 4.06 13.00
N2 A1ACW C . -6.60 3.29 10.60
N3 A1ACW C . -7.70 1.72 12.02
F A1ACW C . -7.09 0.19 8.83
N1 A1ACW C . -5.86 2.73 8.51
O A1ACW C . -1.21 7.74 6.21
N A1ACW C . -3.31 7.45 7.09
C A1ACW C . -6.01 5.19 8.36
CL CL D . 2.68 5.35 4.39
S DMS E . 12.96 -14.58 26.70
O DMS E . 14.00 -14.55 25.69
C1 DMS E . 11.57 -13.87 25.88
C2 DMS E . 12.38 -16.25 26.57
#